data_1EPM
#
_entry.id   1EPM
#
_cell.length_a   43.110
_cell.length_b   75.880
_cell.length_c   42.980
_cell.angle_alpha   90.00
_cell.angle_beta   96.76
_cell.angle_gamma   90.00
#
_symmetry.space_group_name_H-M   'P 1 21 1'
#
loop_
_entity.id
_entity.type
_entity.pdbx_description
1 polymer ENDOTHIAPEPSIN
2 polymer 'PS2, THR-PHE-GLN-ALA-PSA-LEU-ARG-GLU'
3 non-polymer 'SULFATE ION'
4 water water
#
loop_
_entity_poly.entity_id
_entity_poly.type
_entity_poly.pdbx_seq_one_letter_code
_entity_poly.pdbx_strand_id
1 'polypeptide(L)'
;STGSATTTPIDSLDDAYITPVQIGTPAQTLNLDFDTGSSDLWVFSSETTASEVDGQTIYTPSKSTTAKLLSGATWSISYG
DGSSSSGDVYTDTVSVGGLTVTGQAVESAKKVSSSFTEDSTIDGLLGLAFSTLNTVSPTQQKTFFDNAKASLDSPVFTAD
LGYHAPGTYNFGFIDTTAYTGSITYTAVSTKQGFWEWTSTGYAVGSGTFKSTSIDGIADTGTTLLYLPATVVSAYWAQVS
GAKSSSSVGGYVFPCSATLPSFTFGVGSARIVIPGDYIDFGPISTGSSSCFGGIQSSAGIGINIFGDVALKAAFVVFNGA
TTPTLGFASK
;
E
2 'polypeptide(L)' TFQA(PSA)LRE I
#
loop_
_chem_comp.id
_chem_comp.type
_chem_comp.name
_chem_comp.formula
PSA peptide-like '3-HYDROXY-4-AMINO-5-PHENYLPENTANOIC ACID' 'C11 H15 N O3'
SO4 non-polymer 'SULFATE ION' 'O4 S -2'
#
# COMPACT_ATOMS: atom_id res chain seq x y z
N SER A 1 0.03 20.82 12.71
CA SER A 1 -0.05 20.86 11.22
C SER A 1 -0.85 19.64 10.68
N THR A 2 -1.22 19.78 9.44
CA THR A 2 -1.92 18.69 8.70
C THR A 2 -1.47 18.68 7.28
N GLY A 3 -1.80 17.62 6.56
CA GLY A 3 -1.52 17.45 5.13
C GLY A 3 -2.72 16.71 4.48
N SER A 4 -2.96 17.00 3.21
CA SER A 4 -4.03 16.32 2.46
C SER A 4 -3.54 16.22 0.98
N ALA A 5 -3.49 15.04 0.44
CA ALA A 5 -3.07 14.85 -0.95
C ALA A 5 -4.02 13.89 -1.69
N THR A 6 -4.16 14.13 -2.98
CA THR A 6 -5.01 13.20 -3.84
C THR A 6 -4.12 12.08 -4.32
N THR A 7 -4.65 10.91 -4.17
CA THR A 7 -4.01 9.68 -4.67
C THR A 7 -4.78 9.12 -5.81
N THR A 8 -4.07 8.73 -6.89
CA THR A 8 -4.78 8.27 -8.09
C THR A 8 -4.25 6.95 -8.60
N PRO A 9 -5.16 6.06 -9.11
CA PRO A 9 -4.67 4.74 -9.58
C PRO A 9 -3.79 4.93 -10.81
N ILE A 10 -2.75 4.01 -10.86
CA ILE A 10 -1.81 4.19 -12.00
C ILE A 10 -2.36 3.61 -13.28
N ASP A 11 -3.43 2.89 -13.22
CA ASP A 11 -3.99 2.26 -14.46
C ASP A 11 -5.45 2.02 -14.29
N SER A 12 -6.12 1.32 -15.24
CA SER A 12 -7.51 1.11 -15.19
C SER A 12 -7.93 -0.03 -14.24
N LEU A 13 -6.94 -0.76 -13.82
CA LEU A 13 -7.32 -1.94 -12.89
C LEU A 13 -7.05 -1.53 -11.44
N ASP A 14 -6.51 -0.38 -11.04
CA ASP A 14 -6.22 -0.06 -9.67
C ASP A 14 -5.02 -0.92 -9.19
N ASP A 15 -4.10 -1.10 -10.09
CA ASP A 15 -2.96 -1.94 -9.71
C ASP A 15 -2.24 -1.39 -8.50
N ALA A 16 -2.14 -0.01 -8.46
CA ALA A 16 -1.41 0.70 -7.36
C ALA A 16 -1.88 2.20 -7.48
N TYR A 17 -1.56 2.99 -6.47
CA TYR A 17 -1.98 4.40 -6.38
C TYR A 17 -0.73 5.27 -6.28
N ILE A 18 -0.75 6.39 -6.98
CA ILE A 18 0.48 7.20 -6.76
C ILE A 18 0.01 8.57 -6.14
N THR A 19 0.90 9.22 -5.40
CA THR A 19 0.50 10.56 -4.74
C THR A 19 1.76 11.45 -4.99
N PRO A 20 1.43 12.72 -5.35
CA PRO A 20 2.64 13.52 -5.55
C PRO A 20 3.27 13.94 -4.24
N VAL A 21 4.60 13.96 -4.33
CA VAL A 21 5.41 14.37 -3.15
C VAL A 21 6.49 15.37 -3.66
N GLN A 22 6.70 16.44 -2.84
CA GLN A 22 7.65 17.48 -3.22
C GLN A 22 8.94 17.29 -2.42
N ILE A 23 9.99 17.08 -3.08
CA ILE A 23 11.28 16.92 -2.47
C ILE A 23 12.29 18.02 -2.84
N GLY A 24 12.93 18.51 -1.79
CA GLY A 24 14.06 19.45 -2.06
C GLY A 24 13.56 20.87 -2.23
N THR A 25 14.61 21.72 -2.38
CA THR A 25 14.36 23.17 -2.53
C THR A 25 15.19 23.69 -3.71
N PRO A 26 14.54 24.28 -4.73
CA PRO A 26 13.07 24.40 -4.82
C PRO A 26 12.47 22.95 -5.02
N ALA A 27 11.18 22.88 -4.83
CA ALA A 27 10.59 21.51 -4.90
C ALA A 27 10.66 20.83 -6.23
N GLN A 28 11.00 19.53 -6.20
CA GLN A 28 10.96 18.61 -7.39
C GLN A 28 9.77 17.63 -7.01
N THR A 29 8.79 17.64 -7.88
CA THR A 29 7.60 16.78 -7.61
C THR A 29 7.77 15.45 -8.33
N LEU A 30 7.61 14.38 -7.49
CA LEU A 30 7.73 12.96 -7.91
C LEU A 30 6.44 12.23 -7.46
N ASN A 31 6.00 11.27 -8.28
CA ASN A 31 4.71 10.54 -7.91
C ASN A 31 5.16 9.23 -7.22
N LEU A 32 4.89 9.11 -5.90
CA LEU A 32 5.38 7.93 -5.18
C LEU A 32 4.16 7.06 -4.79
N ASP A 33 4.50 5.77 -4.63
CA ASP A 33 3.52 4.75 -4.20
C ASP A 33 3.64 4.67 -2.66
N PHE A 34 2.65 5.14 -1.92
CA PHE A 34 2.55 5.20 -0.47
C PHE A 34 2.34 3.73 0.03
N ASP A 35 3.30 3.20 0.66
CA ASP A 35 3.23 1.69 0.99
C ASP A 35 3.26 1.40 2.47
N THR A 36 2.15 1.06 3.06
CA THR A 36 2.07 0.72 4.50
C THR A 36 2.75 -0.64 4.75
N GLY A 37 3.30 -1.24 3.71
CA GLY A 37 3.95 -2.56 3.90
C GLY A 37 5.44 -2.50 3.92
N SER A 38 6.09 -1.29 3.97
CA SER A 38 7.59 -1.20 4.07
C SER A 38 7.88 0.21 4.65
N SER A 39 9.14 0.48 4.94
CA SER A 39 9.51 1.69 5.67
C SER A 39 10.64 2.49 5.05
N ASP A 40 10.88 2.40 3.80
CA ASP A 40 11.87 3.10 3.04
C ASP A 40 11.22 4.16 2.11
N LEU A 41 11.72 5.35 2.11
CA LEU A 41 11.28 6.41 1.16
C LEU A 41 12.45 6.42 0.11
N TRP A 42 12.29 5.87 -1.07
CA TRP A 42 13.40 5.87 -2.09
C TRP A 42 12.88 6.29 -3.39
N VAL A 43 13.77 6.94 -4.18
CA VAL A 43 13.23 7.42 -5.46
C VAL A 43 14.26 7.17 -6.55
N PHE A 44 13.80 7.27 -7.81
CA PHE A 44 14.70 7.23 -8.98
C PHE A 44 15.49 8.64 -8.91
N SER A 45 16.72 8.60 -9.35
CA SER A 45 17.51 9.85 -9.20
C SER A 45 18.51 10.02 -10.30
N SER A 46 19.28 11.13 -10.20
CA SER A 46 20.34 11.37 -11.18
C SER A 46 21.46 10.33 -10.96
N GLU A 47 21.43 9.62 -9.82
CA GLU A 47 22.46 8.59 -9.58
C GLU A 47 22.05 7.21 -10.16
N THR A 48 20.84 7.00 -10.54
CA THR A 48 20.31 5.73 -11.00
C THR A 48 21.00 5.46 -12.39
N THR A 49 21.56 4.22 -12.50
CA THR A 49 22.23 3.79 -13.79
C THR A 49 21.28 4.10 -14.92
N ALA A 50 21.76 4.79 -15.96
CA ALA A 50 21.00 5.27 -17.08
C ALA A 50 20.13 4.32 -17.79
N SER A 51 20.72 3.14 -18.07
CA SER A 51 19.85 2.15 -18.83
C SER A 51 18.76 1.61 -18.00
N GLU A 52 18.69 1.83 -16.67
CA GLU A 52 17.59 1.28 -15.85
C GLU A 52 16.50 2.39 -15.63
N VAL A 53 16.73 3.60 -16.21
CA VAL A 53 15.75 4.68 -16.10
C VAL A 53 14.90 4.75 -17.35
N ASP A 54 13.58 4.69 -17.34
CA ASP A 54 12.62 4.61 -18.40
C ASP A 54 11.23 5.10 -18.27
N GLY A 55 11.37 6.45 -18.39
CA GLY A 55 10.09 7.29 -18.40
C GLY A 55 9.75 7.97 -17.06
N GLN A 56 10.33 7.59 -15.98
CA GLN A 56 10.07 8.13 -14.59
C GLN A 56 10.76 9.53 -14.46
N THR A 57 10.25 10.26 -13.45
CA THR A 57 10.84 11.60 -13.11
C THR A 57 11.91 11.32 -12.03
N ILE A 58 13.07 12.01 -12.23
CA ILE A 58 14.03 11.58 -11.15
C ILE A 58 14.29 12.79 -10.26
N TYR A 59 14.76 12.49 -9.11
CA TYR A 59 15.21 13.49 -8.10
C TYR A 59 16.72 13.71 -8.30
N THR A 60 17.08 15.01 -8.43
CA THR A 60 18.50 15.37 -8.60
C THR A 60 18.96 16.12 -7.33
N PRO A 61 19.75 15.50 -6.46
CA PRO A 61 20.16 16.17 -5.23
C PRO A 61 21.04 17.33 -5.37
N SER A 62 21.77 17.37 -6.45
CA SER A 62 22.65 18.58 -6.67
C SER A 62 21.86 19.78 -7.04
N LYS A 63 20.58 19.74 -7.40
CA LYS A 63 19.83 20.93 -7.67
C LYS A 63 18.99 21.40 -6.45
N SER A 64 19.01 20.72 -5.33
CA SER A 64 18.31 21.05 -4.11
C SER A 64 19.33 21.71 -3.15
N THR A 65 19.05 22.93 -2.74
CA THR A 65 19.92 23.62 -1.78
C THR A 65 19.80 22.98 -0.39
N THR A 66 18.76 22.26 -0.06
CA THR A 66 18.57 21.68 1.26
C THR A 66 19.06 20.21 1.34
N ALA A 67 19.55 19.66 0.25
CA ALA A 67 20.00 18.24 0.39
C ALA A 67 21.34 18.14 1.05
N LYS A 68 21.47 17.08 1.88
CA LYS A 68 22.72 16.78 2.56
C LYS A 68 23.00 15.26 2.39
N LEU A 69 24.23 14.95 2.01
CA LEU A 69 24.54 13.51 1.87
C LEU A 69 24.71 12.93 3.25
N LEU A 70 24.14 11.76 3.54
CA LEU A 70 24.29 11.13 4.89
C LEU A 70 25.49 10.15 4.71
N SER A 71 26.63 10.62 5.19
CA SER A 71 27.87 9.94 5.05
C SER A 71 27.92 8.47 5.42
N GLY A 72 28.35 7.75 4.42
CA GLY A 72 28.47 6.31 4.75
C GLY A 72 27.24 5.49 4.96
N ALA A 73 26.08 6.08 4.72
CA ALA A 73 24.87 5.18 4.89
C ALA A 73 24.54 4.61 3.52
N THR A 74 24.13 3.36 3.48
CA THR A 74 23.69 2.73 2.24
C THR A 74 22.36 1.97 2.52
N TRP A 75 21.62 1.49 1.56
CA TRP A 75 20.39 0.77 1.65
C TRP A 75 20.25 -0.23 0.55
N SER A 76 19.47 -1.28 0.84
CA SER A 76 19.20 -2.35 -0.13
C SER A 76 17.91 -3.03 0.30
N ILE A 77 16.92 -3.10 -0.59
CA ILE A 77 15.59 -3.64 -0.25
C ILE A 77 15.07 -4.52 -1.35
N SER A 78 14.26 -5.53 -0.92
CA SER A 78 13.65 -6.46 -1.87
C SER A 78 12.19 -6.61 -1.40
N TYR A 79 11.25 -6.79 -2.30
CA TYR A 79 9.84 -6.85 -2.01
C TYR A 79 9.26 -8.24 -2.29
N GLY A 80 8.08 -8.39 -1.82
CA GLY A 80 7.30 -9.65 -1.98
C GLY A 80 7.25 -10.14 -3.38
N ASP A 81 7.06 -9.26 -4.33
CA ASP A 81 6.99 -9.60 -5.74
C ASP A 81 8.32 -9.86 -6.37
N GLY A 82 9.40 -9.90 -5.60
CA GLY A 82 10.74 -10.14 -6.15
C GLY A 82 11.48 -8.83 -6.60
N SER A 83 10.86 -7.66 -6.66
CA SER A 83 11.60 -6.48 -7.14
C SER A 83 12.60 -6.01 -6.10
N SER A 84 13.58 -5.18 -6.51
CA SER A 84 14.57 -4.76 -5.54
C SER A 84 15.19 -3.42 -6.07
N SER A 85 15.83 -2.80 -5.16
CA SER A 85 16.57 -1.54 -5.48
C SER A 85 17.62 -1.32 -4.40
N SER A 86 18.69 -0.45 -4.61
CA SER A 86 19.72 -0.14 -3.62
C SER A 86 20.36 1.22 -3.89
N GLY A 87 21.08 1.73 -2.89
CA GLY A 87 21.65 3.07 -3.29
C GLY A 87 22.27 3.74 -2.02
N ASP A 88 22.35 5.05 -2.11
CA ASP A 88 22.87 5.89 -1.01
C ASP A 88 21.82 6.73 -0.39
N VAL A 89 22.11 7.59 0.51
CA VAL A 89 21.11 8.37 1.25
C VAL A 89 21.49 9.84 1.46
N TYR A 90 20.45 10.63 1.19
CA TYR A 90 20.58 12.10 1.47
C TYR A 90 19.42 12.43 2.46
N THR A 91 19.57 13.53 3.15
CA THR A 91 18.46 14.01 3.95
C THR A 91 17.94 15.29 3.18
N ASP A 92 16.67 15.54 3.18
CA ASP A 92 16.18 16.76 2.45
C ASP A 92 14.83 17.08 2.99
N THR A 93 14.30 18.21 2.56
CA THR A 93 12.96 18.61 2.99
C THR A 93 11.97 17.88 2.02
N VAL A 94 10.93 17.31 2.62
CA VAL A 94 9.88 16.54 1.79
C VAL A 94 8.52 17.05 2.27
N SER A 95 7.64 17.33 1.31
CA SER A 95 6.33 17.83 1.73
C SER A 95 5.24 16.97 0.96
N VAL A 96 4.24 16.68 1.72
CA VAL A 96 3.09 15.93 1.21
C VAL A 96 1.80 16.69 1.50
N GLY A 97 1.09 17.12 0.48
CA GLY A 97 -0.22 17.80 0.62
C GLY A 97 -0.11 18.95 1.54
N GLY A 98 1.01 19.66 1.53
CA GLY A 98 1.16 20.81 2.47
C GLY A 98 1.87 20.58 3.77
N LEU A 99 2.10 19.33 4.12
CA LEU A 99 2.76 18.99 5.43
C LEU A 99 4.26 18.74 5.13
N THR A 100 5.11 19.62 5.69
CA THR A 100 6.56 19.54 5.43
C THR A 100 7.34 19.03 6.61
N VAL A 101 8.24 18.18 6.25
CA VAL A 101 9.21 17.57 7.16
C VAL A 101 10.63 17.96 6.72
N THR A 102 11.45 18.50 7.55
CA THR A 102 12.80 18.79 7.28
C THR A 102 13.68 17.58 7.76
N GLY A 103 14.77 17.35 7.08
CA GLY A 103 15.70 16.27 7.48
C GLY A 103 15.20 14.81 7.26
N GLN A 104 14.29 14.76 6.33
CA GLN A 104 13.79 13.36 6.04
C GLN A 104 14.79 12.60 5.21
N ALA A 105 15.00 11.30 5.55
CA ALA A 105 15.93 10.57 4.66
C ALA A 105 15.28 10.18 3.39
N VAL A 106 15.95 10.59 2.28
CA VAL A 106 15.43 10.30 0.89
C VAL A 106 16.54 9.39 0.31
N GLU A 107 16.16 8.09 0.15
CA GLU A 107 17.13 7.10 -0.33
C GLU A 107 17.15 7.16 -1.84
N SER A 108 18.33 7.41 -2.35
CA SER A 108 18.64 7.58 -3.75
C SER A 108 19.17 6.32 -4.40
N ALA A 109 18.32 5.85 -5.35
CA ALA A 109 18.68 4.64 -6.06
C ALA A 109 19.79 4.66 -7.04
N LYS A 110 20.77 3.83 -6.84
CA LYS A 110 21.88 3.68 -7.80
C LYS A 110 21.45 2.64 -8.86
N LYS A 111 20.63 1.68 -8.41
CA LYS A 111 20.15 0.62 -9.35
C LYS A 111 18.76 0.24 -8.98
N VAL A 112 17.93 -0.20 -9.91
CA VAL A 112 16.57 -0.61 -9.68
C VAL A 112 16.36 -1.86 -10.58
N SER A 113 15.50 -2.74 -10.07
CA SER A 113 15.23 -3.96 -10.86
C SER A 113 14.33 -3.69 -12.02
N SER A 114 14.25 -4.66 -12.95
CA SER A 114 13.47 -4.58 -14.12
C SER A 114 12.07 -4.11 -14.01
N SER A 115 11.33 -4.64 -12.99
CA SER A 115 9.93 -4.20 -12.89
C SER A 115 9.79 -2.74 -12.61
N PHE A 116 10.71 -2.13 -11.92
CA PHE A 116 10.64 -0.65 -11.64
C PHE A 116 10.91 0.11 -12.87
N THR A 117 11.89 -0.36 -13.70
CA THR A 117 12.27 0.34 -14.97
C THR A 117 11.07 0.33 -15.89
N GLU A 118 10.36 -0.78 -15.91
CA GLU A 118 9.19 -1.02 -16.70
C GLU A 118 7.97 -0.26 -16.37
N ASP A 119 7.92 0.24 -15.16
CA ASP A 119 6.59 0.95 -14.90
C ASP A 119 6.91 2.47 -14.84
N SER A 120 6.52 3.15 -15.85
CA SER A 120 6.77 4.58 -16.03
C SER A 120 6.05 5.46 -15.05
N THR A 121 5.00 4.93 -14.37
CA THR A 121 4.17 5.75 -13.52
C THR A 121 4.67 5.91 -12.12
N ILE A 122 5.54 5.04 -11.61
CA ILE A 122 5.98 5.11 -10.24
C ILE A 122 7.43 5.61 -10.17
N ASP A 123 7.57 6.76 -9.48
CA ASP A 123 8.87 7.35 -9.34
C ASP A 123 9.62 6.93 -8.12
N GLY A 124 8.98 6.12 -7.29
CA GLY A 124 9.66 5.65 -6.05
C GLY A 124 8.59 5.24 -5.04
N LEU A 125 9.00 4.85 -3.89
CA LEU A 125 7.98 4.43 -2.88
C LEU A 125 8.21 5.29 -1.64
N LEU A 126 7.16 5.47 -0.86
CA LEU A 126 7.21 6.20 0.45
C LEU A 126 6.59 5.18 1.47
N GLY A 127 7.50 4.69 2.31
CA GLY A 127 7.15 3.64 3.27
C GLY A 127 6.42 4.16 4.50
N LEU A 128 5.36 3.47 4.98
CA LEU A 128 4.60 3.94 6.14
C LEU A 128 4.33 2.77 7.11
N ALA A 129 5.20 1.82 7.08
CA ALA A 129 5.12 0.75 8.13
C ALA A 129 6.01 1.26 9.30
N PHE A 130 6.31 0.41 10.27
CA PHE A 130 7.13 0.89 11.42
C PHE A 130 8.57 0.98 11.07
N SER A 131 9.27 1.95 11.76
CA SER A 131 10.63 2.24 11.37
C SER A 131 11.61 1.14 11.55
N THR A 132 11.28 0.13 12.36
CA THR A 132 12.20 -1.01 12.54
C THR A 132 12.43 -1.78 11.24
N LEU A 133 11.62 -1.65 10.15
CA LEU A 133 11.80 -2.34 8.88
C LEU A 133 12.67 -1.51 7.94
N ASN A 134 13.04 -0.29 8.38
CA ASN A 134 13.88 0.54 7.45
C ASN A 134 15.19 -0.13 7.08
N THR A 135 15.53 -0.14 5.77
CA THR A 135 16.75 -0.83 5.28
C THR A 135 18.04 -0.06 5.43
N VAL A 136 18.07 1.22 5.80
CA VAL A 136 19.39 1.93 5.85
C VAL A 136 20.28 1.41 6.94
N SER A 137 21.56 1.38 6.59
CA SER A 137 22.61 0.88 7.53
C SER A 137 23.78 1.84 7.52
N PRO A 138 24.51 1.97 8.58
CA PRO A 138 24.40 1.26 9.84
C PRO A 138 23.31 1.71 10.75
N THR A 139 22.73 2.90 10.55
CA THR A 139 21.67 3.34 11.49
C THR A 139 20.37 3.51 10.69
N GLN A 140 19.29 2.88 11.17
CA GLN A 140 18.00 2.93 10.40
C GLN A 140 17.46 4.35 10.45
N GLN A 141 16.67 4.67 9.46
CA GLN A 141 16.05 6.00 9.33
C GLN A 141 14.58 5.97 9.59
N LYS A 142 14.01 7.05 10.11
CA LYS A 142 12.55 7.15 10.48
C LYS A 142 11.75 7.39 9.21
N THR A 143 10.54 6.89 9.17
CA THR A 143 9.65 7.13 8.06
C THR A 143 9.15 8.61 8.12
N PHE A 144 8.55 9.01 7.06
CA PHE A 144 7.94 10.43 6.92
C PHE A 144 6.88 10.53 8.03
N PHE A 145 6.10 9.50 8.31
CA PHE A 145 5.15 9.66 9.39
C PHE A 145 5.78 9.81 10.71
N ASP A 146 6.80 9.03 11.07
CA ASP A 146 7.45 9.15 12.34
C ASP A 146 8.11 10.56 12.49
N ASN A 147 8.73 11.06 11.39
CA ASN A 147 9.37 12.41 11.54
C ASN A 147 8.27 13.47 11.65
N ALA A 148 7.10 13.25 11.17
CA ALA A 148 6.00 14.18 11.19
C ALA A 148 5.24 14.30 12.50
N LYS A 149 5.19 13.19 13.25
CA LYS A 149 4.39 13.07 14.48
C LYS A 149 4.48 14.21 15.41
N ALA A 150 5.63 14.75 15.69
CA ALA A 150 5.80 15.87 16.63
C ALA A 150 4.99 17.07 16.15
N SER A 151 4.86 17.42 14.94
CA SER A 151 4.11 18.57 14.41
C SER A 151 2.71 18.30 14.06
N LEU A 152 2.28 17.02 13.93
CA LEU A 152 0.90 16.71 13.57
C LEU A 152 -0.11 17.14 14.63
N ASP A 153 -1.27 17.58 14.17
CA ASP A 153 -2.32 17.98 15.12
C ASP A 153 -2.77 16.74 15.94
N SER A 154 -2.73 15.60 15.28
CA SER A 154 -3.02 14.28 15.93
C SER A 154 -2.09 13.25 15.32
N PRO A 155 -1.57 12.22 16.02
CA PRO A 155 -0.61 11.32 15.31
C PRO A 155 -1.31 10.22 14.56
N VAL A 156 -1.93 10.56 13.48
CA VAL A 156 -2.65 9.56 12.61
C VAL A 156 -2.51 10.03 11.16
N PHE A 157 -2.82 9.03 10.38
CA PHE A 157 -2.95 9.20 8.98
C PHE A 157 -4.12 8.34 8.45
N THR A 158 -4.83 8.80 7.43
CA THR A 158 -5.96 7.94 6.95
C THR A 158 -5.73 7.69 5.46
N ALA A 159 -6.29 6.55 5.06
CA ALA A 159 -6.26 6.18 3.69
C ALA A 159 -7.70 5.99 3.18
N ASP A 160 -7.96 6.82 2.16
CA ASP A 160 -9.33 6.71 1.53
C ASP A 160 -9.08 6.47 0.01
N LEU A 161 -8.89 5.23 -0.39
CA LEU A 161 -8.59 4.74 -1.75
C LEU A 161 -9.86 4.58 -2.55
N GLY A 162 -9.77 5.02 -3.83
CA GLY A 162 -11.04 4.87 -4.55
C GLY A 162 -11.07 3.68 -5.53
N TYR A 163 -12.32 3.31 -5.80
CA TYR A 163 -12.45 2.20 -6.77
C TYR A 163 -12.48 2.83 -8.17
N HIS A 164 -11.51 2.59 -8.99
CA HIS A 164 -11.37 3.15 -10.36
C HIS A 164 -11.56 4.68 -10.25
N ALA A 165 -10.95 5.31 -9.19
CA ALA A 165 -11.21 6.86 -9.12
C ALA A 165 -10.13 7.33 -8.10
N PRO A 166 -9.88 8.58 -8.12
CA PRO A 166 -8.92 9.06 -7.09
C PRO A 166 -9.51 9.01 -5.70
N GLY A 167 -8.56 9.13 -4.80
CA GLY A 167 -8.93 9.11 -3.35
C GLY A 167 -8.03 10.04 -2.57
N THR A 168 -7.90 9.90 -1.29
CA THR A 168 -7.06 10.88 -0.57
C THR A 168 -6.29 10.19 0.59
N TYR A 169 -5.10 10.73 0.77
CA TYR A 169 -4.35 10.36 1.98
C TYR A 169 -4.34 11.65 2.85
N ASN A 170 -4.76 11.61 4.09
CA ASN A 170 -4.73 12.70 5.04
C ASN A 170 -3.77 12.43 6.19
N PHE A 171 -3.09 13.50 6.60
CA PHE A 171 -2.13 13.36 7.72
C PHE A 171 -2.51 14.33 8.84
N GLY A 172 -2.68 13.76 10.02
CA GLY A 172 -3.00 14.64 11.18
C GLY A 172 -4.38 15.01 11.59
N PHE A 173 -5.38 14.44 10.89
CA PHE A 173 -6.75 14.66 11.18
C PHE A 173 -7.67 13.60 10.52
N ILE A 174 -8.82 13.44 11.08
CA ILE A 174 -9.82 12.45 10.57
C ILE A 174 -10.95 13.30 9.99
N ASP A 175 -11.17 13.17 8.72
CA ASP A 175 -12.26 13.89 8.00
C ASP A 175 -13.58 13.11 8.21
N THR A 176 -14.43 13.58 9.12
CA THR A 176 -15.72 13.00 9.45
C THR A 176 -16.69 12.98 8.31
N THR A 177 -16.50 13.75 7.21
CA THR A 177 -17.49 13.65 6.09
C THR A 177 -17.07 12.56 5.12
N ALA A 178 -15.87 11.95 5.29
CA ALA A 178 -15.47 10.95 4.22
C ALA A 178 -16.01 9.54 4.55
N TYR A 179 -16.65 9.28 5.65
CA TYR A 179 -17.13 7.90 5.97
C TYR A 179 -18.50 7.93 6.54
N THR A 180 -19.14 6.69 6.68
CA THR A 180 -20.48 6.69 7.25
C THR A 180 -20.46 5.83 8.53
N GLY A 181 -21.34 6.06 9.50
CA GLY A 181 -21.28 5.21 10.73
C GLY A 181 -20.14 5.71 11.58
N SER A 182 -19.65 4.83 12.39
CA SER A 182 -18.55 5.25 13.28
C SER A 182 -17.32 4.37 12.99
N ILE A 183 -16.13 4.77 13.33
CA ILE A 183 -14.90 3.98 13.05
C ILE A 183 -14.77 2.92 14.17
N THR A 184 -14.45 1.69 13.81
CA THR A 184 -14.19 0.70 14.88
C THR A 184 -12.69 0.40 14.88
N TYR A 185 -12.04 0.53 16.01
CA TYR A 185 -10.61 0.34 16.23
C TYR A 185 -10.30 -1.06 16.69
N THR A 186 -9.20 -1.55 16.19
CA THR A 186 -8.68 -2.90 16.54
C THR A 186 -7.20 -2.79 16.85
N ALA A 187 -6.67 -3.62 17.78
CA ALA A 187 -5.28 -3.55 18.24
C ALA A 187 -4.32 -3.94 17.04
N VAL A 188 -3.11 -3.39 17.22
CA VAL A 188 -2.08 -3.74 16.14
C VAL A 188 -0.89 -4.35 16.84
N SER A 189 -0.40 -5.39 16.25
CA SER A 189 0.84 -5.99 16.84
C SER A 189 2.03 -5.46 16.03
N THR A 190 3.09 -4.87 16.69
CA THR A 190 4.16 -4.37 15.83
C THR A 190 5.38 -5.33 15.84
N LYS A 191 5.17 -6.53 16.33
CA LYS A 191 6.23 -7.46 16.43
C LYS A 191 7.01 -7.71 15.19
N GLN A 192 6.41 -7.68 14.04
CA GLN A 192 7.00 -7.96 12.78
C GLN A 192 7.27 -6.64 12.00
N GLY A 193 6.92 -5.58 12.67
CA GLY A 193 7.17 -4.19 12.03
C GLY A 193 6.05 -3.80 11.08
N PHE A 194 4.97 -4.52 10.89
CA PHE A 194 3.83 -4.21 10.02
C PHE A 194 2.67 -3.65 10.79
N TRP A 195 1.69 -3.15 10.03
CA TRP A 195 0.47 -2.77 10.72
C TRP A 195 -0.40 -4.08 10.68
N GLU A 196 0.00 -4.91 11.61
CA GLU A 196 -0.60 -6.31 11.73
C GLU A 196 -1.72 -6.33 12.68
N TRP A 197 -2.90 -6.98 12.31
CA TRP A 197 -4.05 -6.99 13.18
C TRP A 197 -4.83 -8.38 12.95
N THR A 198 -5.78 -8.63 13.81
CA THR A 198 -6.54 -9.93 13.61
C THR A 198 -8.00 -9.65 13.29
N SER A 199 -8.45 -10.05 12.07
CA SER A 199 -9.95 -9.86 11.66
C SER A 199 -10.70 -10.96 12.50
N THR A 200 -11.94 -10.65 12.91
CA THR A 200 -12.69 -11.65 13.75
C THR A 200 -13.47 -12.59 12.85
N GLY A 201 -13.34 -12.66 11.56
CA GLY A 201 -14.18 -13.64 10.80
C GLY A 201 -14.55 -13.12 9.42
N TYR A 202 -15.36 -13.87 8.65
CA TYR A 202 -15.75 -13.43 7.30
C TYR A 202 -17.09 -14.11 6.95
N ALA A 203 -17.68 -13.56 5.94
CA ALA A 203 -18.96 -13.96 5.31
C ALA A 203 -18.89 -13.92 3.83
N VAL A 204 -19.50 -14.83 3.11
CA VAL A 204 -19.43 -14.67 1.65
C VAL A 204 -20.91 -14.38 1.24
N GLY A 205 -21.15 -13.36 0.48
CA GLY A 205 -22.44 -12.90 -0.02
C GLY A 205 -23.47 -12.79 1.12
N SER A 206 -24.65 -13.40 0.90
CA SER A 206 -25.68 -13.24 1.96
C SER A 206 -25.64 -14.45 2.91
N GLY A 207 -24.60 -15.20 3.00
CA GLY A 207 -24.42 -16.37 3.94
C GLY A 207 -24.04 -15.95 5.36
N THR A 208 -23.74 -16.98 6.22
CA THR A 208 -23.41 -16.71 7.61
C THR A 208 -21.99 -16.21 7.79
N PHE A 209 -21.81 -15.46 8.80
CA PHE A 209 -20.49 -14.98 9.26
C PHE A 209 -19.90 -16.04 10.20
N LYS A 210 -18.67 -16.43 9.80
CA LYS A 210 -17.96 -17.47 10.62
C LYS A 210 -16.89 -16.81 11.47
N SER A 211 -16.94 -17.05 12.76
CA SER A 211 -15.91 -16.42 13.65
C SER A 211 -14.70 -17.28 13.68
N THR A 212 -13.68 -16.69 13.05
CA THR A 212 -12.38 -17.39 12.96
C THR A 212 -11.31 -16.29 12.80
N SER A 213 -10.31 -16.38 13.59
CA SER A 213 -9.26 -15.34 13.60
C SER A 213 -8.44 -15.39 12.34
N ILE A 214 -8.25 -14.20 11.70
CA ILE A 214 -7.43 -14.14 10.52
C ILE A 214 -6.39 -12.98 10.78
N ASP A 215 -5.21 -13.44 11.07
CA ASP A 215 -4.11 -12.41 11.34
C ASP A 215 -3.59 -11.99 9.98
N GLY A 216 -3.49 -10.63 9.74
CA GLY A 216 -2.99 -10.16 8.48
C GLY A 216 -2.40 -8.68 8.63
N ILE A 217 -1.94 -8.30 7.50
CA ILE A 217 -1.41 -6.87 7.57
C ILE A 217 -2.22 -5.99 6.66
N ALA A 218 -2.36 -4.72 7.04
CA ALA A 218 -3.12 -3.75 6.15
C ALA A 218 -2.01 -3.15 5.26
N ASP A 219 -2.00 -3.43 3.96
CA ASP A 219 -0.97 -3.00 3.08
C ASP A 219 -1.47 -2.26 1.87
N THR A 220 -1.35 -0.90 1.82
CA THR A 220 -1.80 -0.13 0.69
C THR A 220 -0.88 -0.43 -0.55
N GLY A 221 0.28 -1.07 -0.28
CA GLY A 221 1.14 -1.35 -1.47
C GLY A 221 1.04 -2.77 -2.05
N THR A 222 0.00 -3.50 -1.73
CA THR A 222 -0.33 -4.84 -2.30
C THR A 222 -1.66 -4.64 -3.03
N THR A 223 -1.67 -5.06 -4.30
CA THR A 223 -2.93 -4.84 -5.06
C THR A 223 -4.10 -5.69 -4.53
N LEU A 224 -3.89 -7.00 -4.29
CA LEU A 224 -4.98 -7.89 -3.96
C LEU A 224 -5.27 -8.15 -2.51
N LEU A 225 -6.32 -8.95 -2.33
CA LEU A 225 -6.71 -9.39 -0.93
C LEU A 225 -6.21 -10.90 -0.87
N TYR A 226 -5.23 -11.20 -0.03
CA TYR A 226 -4.68 -12.60 0.09
C TYR A 226 -5.12 -13.19 1.43
N LEU A 227 -5.95 -14.23 1.40
CA LEU A 227 -6.54 -14.82 2.67
C LEU A 227 -6.23 -16.36 2.61
N PRO A 228 -6.49 -16.97 3.73
CA PRO A 228 -6.16 -18.44 3.81
C PRO A 228 -6.88 -19.26 2.76
N ALA A 229 -6.21 -20.31 2.41
CA ALA A 229 -6.77 -21.11 1.28
C ALA A 229 -8.17 -21.59 1.51
N THR A 230 -8.49 -22.02 2.76
CA THR A 230 -9.87 -22.52 2.91
C THR A 230 -10.85 -21.37 2.90
N VAL A 231 -10.43 -20.15 3.26
CA VAL A 231 -11.53 -19.07 3.15
C VAL A 231 -11.65 -18.72 1.70
N VAL A 232 -10.56 -18.59 0.91
CA VAL A 232 -10.61 -18.21 -0.52
C VAL A 232 -11.38 -19.32 -1.27
N SER A 233 -11.21 -20.60 -0.84
CA SER A 233 -12.02 -21.63 -1.59
C SER A 233 -13.49 -21.51 -1.28
N ALA A 234 -13.93 -21.17 -0.05
CA ALA A 234 -15.34 -21.02 0.27
C ALA A 234 -15.92 -19.83 -0.53
N TYR A 235 -15.11 -18.83 -0.84
CA TYR A 235 -15.72 -17.72 -1.63
C TYR A 235 -15.93 -18.14 -3.08
N TRP A 236 -14.95 -18.68 -3.74
CA TRP A 236 -15.05 -19.06 -5.15
C TRP A 236 -16.05 -20.20 -5.35
N ALA A 237 -16.32 -20.89 -4.28
CA ALA A 237 -17.27 -22.07 -4.48
C ALA A 237 -18.65 -21.44 -4.78
N GLN A 238 -18.86 -20.15 -4.52
CA GLN A 238 -20.16 -19.49 -4.78
C GLN A 238 -20.18 -18.90 -6.17
N VAL A 239 -19.22 -19.07 -7.06
CA VAL A 239 -19.21 -18.52 -8.42
C VAL A 239 -18.96 -19.67 -9.38
N SER A 240 -20.07 -19.90 -10.09
CA SER A 240 -20.25 -21.06 -10.94
C SER A 240 -19.19 -21.31 -11.96
N GLY A 241 -18.62 -20.25 -12.58
CA GLY A 241 -17.55 -20.59 -13.58
C GLY A 241 -16.10 -20.39 -13.06
N ALA A 242 -15.96 -20.16 -11.77
CA ALA A 242 -14.59 -19.89 -11.27
C ALA A 242 -13.87 -21.26 -11.08
N LYS A 243 -12.63 -21.14 -11.41
CA LYS A 243 -11.71 -22.27 -11.22
C LYS A 243 -10.34 -21.72 -10.86
N SER A 244 -9.50 -22.53 -10.28
CA SER A 244 -8.11 -22.14 -9.94
C SER A 244 -7.28 -22.40 -11.21
N SER A 245 -6.59 -21.47 -11.84
CA SER A 245 -5.84 -21.75 -13.07
C SER A 245 -4.33 -21.79 -12.75
N SER A 246 -3.56 -22.86 -13.03
CA SER A 246 -2.13 -22.79 -12.65
C SER A 246 -1.36 -21.93 -13.61
N SER A 247 -1.83 -21.90 -14.85
CA SER A 247 -1.16 -21.07 -15.83
C SER A 247 -1.24 -19.59 -15.55
N VAL A 248 -2.43 -19.14 -15.17
CA VAL A 248 -2.54 -17.68 -14.91
C VAL A 248 -2.06 -17.39 -13.49
N GLY A 249 -2.08 -18.30 -12.52
CA GLY A 249 -1.59 -17.95 -11.20
C GLY A 249 -2.68 -17.71 -10.20
N GLY A 250 -3.92 -18.18 -10.43
CA GLY A 250 -4.90 -17.89 -9.42
C GLY A 250 -6.29 -18.24 -9.92
N TYR A 251 -7.21 -17.89 -9.05
CA TYR A 251 -8.61 -18.18 -9.51
C TYR A 251 -9.03 -17.16 -10.57
N VAL A 252 -9.71 -17.61 -11.61
CA VAL A 252 -10.29 -16.94 -12.77
C VAL A 252 -11.75 -17.29 -12.88
N PHE A 253 -12.52 -16.42 -13.44
CA PHE A 253 -13.96 -16.64 -13.60
C PHE A 253 -14.45 -15.92 -14.83
N PRO A 254 -15.61 -16.21 -15.39
CA PRO A 254 -16.07 -15.49 -16.59
C PRO A 254 -16.46 -14.05 -16.25
N CYS A 255 -15.90 -13.16 -17.06
CA CYS A 255 -16.11 -11.74 -16.86
C CYS A 255 -17.56 -11.34 -16.71
N SER A 256 -18.39 -12.15 -17.38
CA SER A 256 -19.86 -12.04 -17.45
C SER A 256 -20.51 -12.16 -16.06
N ALA A 257 -20.05 -12.81 -15.02
CA ALA A 257 -20.66 -13.09 -13.74
C ALA A 257 -20.76 -11.90 -12.82
N THR A 258 -21.81 -12.07 -12.03
CA THR A 258 -22.05 -11.04 -10.99
C THR A 258 -21.45 -11.65 -9.71
N LEU A 259 -20.35 -11.16 -9.19
CA LEU A 259 -19.76 -11.84 -8.03
C LEU A 259 -20.42 -11.46 -6.69
N PRO A 260 -20.40 -12.38 -5.72
CA PRO A 260 -21.00 -11.99 -4.46
C PRO A 260 -20.06 -11.10 -3.67
N SER A 261 -20.55 -10.43 -2.68
CA SER A 261 -19.75 -9.58 -1.80
C SER A 261 -18.95 -10.43 -0.84
N PHE A 262 -17.96 -9.82 -0.22
CA PHE A 262 -17.12 -10.52 0.83
C PHE A 262 -17.11 -9.63 2.05
N THR A 263 -17.49 -10.16 3.17
CA THR A 263 -17.49 -9.26 4.39
C THR A 263 -16.34 -9.81 5.28
N PHE A 264 -15.61 -8.91 5.92
CA PHE A 264 -14.53 -9.20 6.90
C PHE A 264 -14.87 -8.53 8.19
N GLY A 265 -14.63 -9.18 9.33
CA GLY A 265 -15.02 -8.61 10.61
C GLY A 265 -13.84 -7.74 11.15
N VAL A 266 -14.21 -6.69 11.86
CA VAL A 266 -13.14 -5.85 12.56
C VAL A 266 -13.83 -5.66 14.00
N GLY A 267 -13.36 -6.48 14.94
CA GLY A 267 -14.10 -6.39 16.24
C GLY A 267 -15.53 -6.86 15.91
N SER A 268 -16.49 -6.11 16.49
CA SER A 268 -17.88 -6.46 16.27
C SER A 268 -18.48 -5.91 15.02
N ALA A 269 -17.69 -5.12 14.26
CA ALA A 269 -18.20 -4.48 13.03
C ALA A 269 -17.87 -5.37 11.82
N ARG A 270 -18.51 -4.99 10.77
CA ARG A 270 -18.33 -5.76 9.49
C ARG A 270 -18.03 -4.77 8.38
N ILE A 271 -17.09 -5.11 7.52
CA ILE A 271 -16.76 -4.22 6.35
C ILE A 271 -17.10 -5.09 5.11
N VAL A 272 -17.96 -4.55 4.29
CA VAL A 272 -18.39 -5.34 3.13
C VAL A 272 -17.71 -4.85 1.84
N ILE A 273 -17.01 -5.75 1.16
CA ILE A 273 -16.36 -5.55 -0.15
C ILE A 273 -17.37 -5.82 -1.23
N PRO A 274 -17.86 -4.84 -2.01
CA PRO A 274 -18.85 -5.22 -3.01
C PRO A 274 -18.20 -6.18 -4.02
N GLY A 275 -19.08 -6.97 -4.59
CA GLY A 275 -18.55 -7.97 -5.61
C GLY A 275 -17.86 -7.43 -6.79
N ASP A 276 -18.28 -6.26 -7.28
CA ASP A 276 -17.58 -5.62 -8.46
C ASP A 276 -16.14 -5.32 -8.09
N TYR A 277 -15.74 -5.08 -6.84
CA TYR A 277 -14.34 -4.80 -6.54
C TYR A 277 -13.46 -6.03 -6.64
N ILE A 278 -14.07 -7.20 -6.55
CA ILE A 278 -13.48 -8.53 -6.60
C ILE A 278 -13.15 -9.02 -7.93
N ASP A 279 -13.82 -8.35 -8.87
CA ASP A 279 -13.57 -8.62 -10.31
C ASP A 279 -12.40 -7.70 -10.69
N PHE A 280 -11.19 -8.25 -10.64
CA PHE A 280 -10.07 -7.39 -10.95
C PHE A 280 -10.05 -6.90 -12.37
N GLY A 281 -10.24 -7.78 -13.35
CA GLY A 281 -10.27 -7.30 -14.75
C GLY A 281 -9.94 -8.48 -15.69
N PRO A 282 -10.13 -8.29 -16.97
CA PRO A 282 -9.85 -9.41 -17.91
C PRO A 282 -8.35 -9.74 -17.84
N ILE A 283 -8.14 -11.03 -18.06
CA ILE A 283 -6.81 -11.70 -18.05
C ILE A 283 -5.94 -11.06 -19.10
N SER A 284 -6.52 -10.74 -20.24
CA SER A 284 -5.90 -10.02 -21.39
C SER A 284 -6.98 -9.13 -22.01
N THR A 285 -6.63 -8.01 -22.71
CA THR A 285 -7.85 -7.31 -23.22
C THR A 285 -8.59 -8.15 -24.23
N GLY A 286 -9.95 -8.12 -24.08
CA GLY A 286 -10.83 -8.86 -25.00
C GLY A 286 -11.07 -10.29 -24.51
N SER A 287 -10.37 -10.59 -23.43
CA SER A 287 -10.67 -12.01 -22.99
C SER A 287 -11.99 -12.15 -22.35
N SER A 288 -12.53 -13.40 -22.33
CA SER A 288 -13.83 -13.59 -21.64
C SER A 288 -13.57 -14.05 -20.20
N SER A 289 -12.32 -14.30 -19.84
CA SER A 289 -12.04 -14.71 -18.42
C SER A 289 -11.45 -13.48 -17.72
N CYS A 290 -11.76 -13.34 -16.50
CA CYS A 290 -11.34 -12.22 -15.58
C CYS A 290 -10.55 -12.87 -14.40
N PHE A 291 -9.58 -12.11 -13.82
CA PHE A 291 -8.73 -12.58 -12.71
C PHE A 291 -9.46 -12.14 -11.43
N GLY A 292 -9.53 -12.98 -10.42
CA GLY A 292 -10.22 -12.71 -9.17
C GLY A 292 -9.39 -11.78 -8.22
N GLY A 293 -10.08 -10.97 -7.44
CA GLY A 293 -9.48 -10.08 -6.52
C GLY A 293 -9.12 -10.66 -5.19
N ILE A 294 -9.64 -11.87 -4.92
CA ILE A 294 -9.30 -12.48 -3.63
C ILE A 294 -8.53 -13.79 -3.99
N GLN A 295 -7.37 -13.95 -3.42
CA GLN A 295 -6.48 -15.13 -3.73
C GLN A 295 -5.84 -15.66 -2.50
N SER A 296 -5.32 -16.91 -2.68
CA SER A 296 -4.74 -17.61 -1.47
C SER A 296 -3.42 -17.03 -1.06
N SER A 297 -3.19 -16.89 0.25
CA SER A 297 -1.90 -16.35 0.83
C SER A 297 -1.01 -17.57 1.15
N ALA A 298 -1.45 -18.78 0.83
CA ALA A 298 -0.57 -19.94 1.26
C ALA A 298 0.84 -19.83 0.84
N GLY A 299 1.16 -19.47 -0.41
CA GLY A 299 2.54 -19.31 -0.90
C GLY A 299 3.23 -18.08 -0.35
N ILE A 300 2.51 -17.10 0.16
CA ILE A 300 3.18 -15.87 0.68
C ILE A 300 3.52 -16.04 2.14
N GLY A 301 2.75 -16.74 2.94
CA GLY A 301 3.19 -16.81 4.29
C GLY A 301 2.47 -15.86 5.22
N ILE A 302 1.73 -14.89 4.64
CA ILE A 302 1.01 -14.03 5.58
C ILE A 302 -0.29 -13.55 4.86
N ASN A 303 -1.27 -13.26 5.67
CA ASN A 303 -2.49 -12.77 4.95
C ASN A 303 -2.28 -11.25 4.72
N ILE A 304 -2.79 -10.79 3.61
CA ILE A 304 -2.62 -9.35 3.29
C ILE A 304 -3.93 -8.67 2.87
N PHE A 305 -4.30 -7.79 3.67
CA PHE A 305 -5.53 -6.98 3.32
C PHE A 305 -4.98 -5.81 2.44
N GLY A 306 -4.85 -6.05 1.12
CA GLY A 306 -4.39 -5.16 0.06
C GLY A 306 -5.56 -4.18 -0.40
N ASP A 307 -5.15 -3.61 -1.53
CA ASP A 307 -6.08 -2.60 -2.00
C ASP A 307 -7.47 -2.97 -2.25
N VAL A 308 -7.75 -4.20 -2.70
CA VAL A 308 -9.14 -4.65 -2.94
C VAL A 308 -9.91 -4.53 -1.67
N ALA A 309 -9.32 -4.81 -0.52
CA ALA A 309 -10.08 -4.67 0.69
C ALA A 309 -10.03 -3.23 1.25
N LEU A 310 -8.85 -2.60 1.20
CA LEU A 310 -8.80 -1.28 1.78
C LEU A 310 -9.63 -0.24 1.03
N LYS A 311 -9.74 -0.33 -0.29
CA LYS A 311 -10.55 0.71 -1.02
C LYS A 311 -11.99 0.55 -0.68
N ALA A 312 -12.55 -0.52 -0.06
CA ALA A 312 -13.98 -0.54 0.31
C ALA A 312 -14.14 0.12 1.71
N ALA A 313 -13.09 0.71 2.30
CA ALA A 313 -13.43 1.28 3.61
C ALA A 313 -12.60 2.61 3.80
N PHE A 314 -12.88 3.29 4.88
CA PHE A 314 -12.00 4.53 5.17
C PHE A 314 -11.11 3.91 6.31
N VAL A 315 -9.79 4.02 6.21
CA VAL A 315 -8.93 3.32 7.19
C VAL A 315 -8.01 4.32 7.88
N VAL A 316 -8.01 4.14 9.21
CA VAL A 316 -7.21 5.07 10.05
C VAL A 316 -6.03 4.34 10.67
N PHE A 317 -4.88 4.93 10.34
CA PHE A 317 -3.59 4.37 10.91
C PHE A 317 -3.25 5.19 12.10
N ASN A 318 -3.69 4.76 13.30
CA ASN A 318 -3.44 5.50 14.54
C ASN A 318 -2.07 5.22 15.10
N GLY A 319 -1.12 6.13 14.92
CA GLY A 319 0.27 6.11 15.30
C GLY A 319 0.67 6.49 16.70
N ALA A 320 -0.25 6.46 17.59
CA ALA A 320 -0.03 6.78 18.99
C ALA A 320 1.01 5.75 19.55
N THR A 321 1.55 5.92 20.76
CA THR A 321 2.56 5.00 21.36
C THR A 321 2.08 3.59 21.32
N THR A 322 0.87 3.33 21.50
CA THR A 322 0.18 2.01 21.37
C THR A 322 -0.68 2.13 20.11
N PRO A 323 -0.21 1.71 18.93
CA PRO A 323 -0.98 2.00 17.74
C PRO A 323 -2.22 1.12 17.61
N THR A 324 -3.13 1.68 16.89
CA THR A 324 -4.34 0.86 16.60
C THR A 324 -4.69 1.16 15.12
N LEU A 325 -5.57 0.39 14.51
CA LEU A 325 -6.09 0.48 13.14
C LEU A 325 -7.58 0.68 13.23
N GLY A 326 -8.11 1.68 12.53
CA GLY A 326 -9.56 1.99 12.54
C GLY A 326 -10.13 1.72 11.19
N PHE A 327 -11.35 1.16 11.09
CA PHE A 327 -12.05 0.94 9.88
C PHE A 327 -13.50 1.45 9.99
N ALA A 328 -13.90 2.03 8.93
CA ALA A 328 -15.32 2.53 8.81
C ALA A 328 -15.83 2.24 7.45
N SER A 329 -17.19 1.97 7.30
CA SER A 329 -17.70 1.82 5.93
C SER A 329 -17.76 3.29 5.31
N LYS A 330 -17.81 3.31 3.99
CA LYS A 330 -17.90 4.66 3.31
C LYS A 330 -18.75 4.51 2.08
N THR B 1 -1.50 -6.06 -13.56
CA THR B 1 -0.18 -6.59 -13.08
C THR B 1 0.02 -6.10 -11.64
N PHE B 2 -0.13 -7.06 -10.74
CA PHE B 2 0.00 -6.87 -9.31
C PHE B 2 1.42 -6.57 -8.87
N GLN B 3 1.23 -5.96 -7.67
CA GLN B 3 2.39 -5.60 -6.87
C GLN B 3 2.16 -6.10 -5.43
N ALA B 4 3.29 -6.38 -4.76
CA ALA B 4 3.27 -6.80 -3.32
C ALA B 4 4.53 -6.17 -2.69
N PSA B 5 4.25 -4.99 -2.11
CA PSA B 5 5.36 -4.23 -1.49
CB PSA B 5 5.31 -2.78 -2.08
CG PSA B 5 5.55 -2.69 -3.52
CD1 PSA B 5 5.06 -1.60 -4.24
CD2 PSA B 5 6.41 -3.51 -4.22
CE1 PSA B 5 5.26 -1.41 -5.61
CE2 PSA B 5 6.71 -3.38 -5.57
CZ PSA B 5 6.14 -2.26 -6.30
CH PSA B 5 5.14 -4.09 0.04
OH PSA B 5 3.82 -3.58 0.28
CM PSA B 5 5.28 -5.41 0.78
C PSA B 5 6.65 -5.97 0.90
O PSA B 5 7.20 -6.58 -0.04
N LEU B 6 7.28 -5.51 1.97
CA LEU B 6 8.70 -5.92 2.18
C LEU B 6 8.78 -7.39 2.53
N ARG B 7 9.97 -7.98 2.51
CA ARG B 7 9.82 -9.41 2.92
C ARG B 7 10.71 -10.28 2.07
N GLU B 8 11.15 -11.41 2.63
CA GLU B 8 12.04 -12.21 1.76
C GLU B 8 11.25 -13.17 0.90
S SO4 C . -4.97 -24.16 -16.23
O1 SO4 C . -5.06 -25.37 -17.05
O2 SO4 C . -3.78 -23.46 -16.63
O3 SO4 C . -6.21 -23.38 -16.37
O4 SO4 C . -4.83 -24.56 -14.84
S SO4 D . -16.71 8.38 15.06
O1 SO4 D . -17.06 9.14 13.88
O2 SO4 D . -16.26 7.03 14.80
O3 SO4 D . -15.58 8.98 15.76
O4 SO4 D . -17.87 8.39 15.94
S SO4 E . 16.72 -7.49 -12.20
O1 SO4 E . 16.57 -8.04 -10.85
O2 SO4 E . 15.40 -7.33 -12.79
O3 SO4 E . 17.46 -6.24 -12.10
O4 SO4 E . 17.55 -8.47 -12.92
#